data_2H0S
#
_entry.id   2H0S
#
_cell.length_a   180.540
_cell.length_b   41.260
_cell.length_c   71.404
_cell.angle_alpha   90.00
_cell.angle_beta   90.00
_cell.angle_gamma   90.00
#
_symmetry.space_group_name_H-M   'P 21 21 2'
#
loop_
_entity.id
_entity.type
_entity.pdbx_description
1 polymer 'glmS ribozyme deoxy RNA inhibitor'
2 polymer 'glmS ribozyme RNA'
3 non-polymer 'MAGNESIUM ION'
4 water water
#
loop_
_entity_poly.entity_id
_entity_poly.type
_entity_poly.pdbx_seq_one_letter_code
_entity_poly.pdbx_strand_id
1 'polydeoxyribonucleotide/polyribonucleotide hybrid' A(DA)GCGCCUGGACU(IU)AAAGCCAUUGCACU A
2 'polyribonucleotide'
;CCGGCUUUAAGUUGACGAGGGCAGGGUUUAUCGAGACAUCGGCGGGUGCCCUGCGGUCUUCCUGCGACCGUUAGAGGACU
GGUAAAACCACAGGCGACUGUGGCAUAGAGCAGUCCGGGCAGGA(A23)
;
B
#
loop_
_chem_comp.id
_chem_comp.type
_chem_comp.name
_chem_comp.formula
A RNA linking ADENOSINE-5'-MONOPHOSPHATE 'C10 H14 N5 O7 P'
A23 RNA linking 'ADENOSINE-5'-PHOSPHATE-2',3'-CYCLIC PHOSPHATE' 'C10 H13 N5 O9 P2'
C RNA linking CYTIDINE-5'-MONOPHOSPHATE 'C9 H14 N3 O8 P'
DA DNA linking 2'-DEOXYADENOSINE-5'-MONOPHOSPHATE 'C10 H14 N5 O6 P'
G RNA linking GUANOSINE-5'-MONOPHOSPHATE 'C10 H14 N5 O8 P'
IU RNA linking 5-IODOURIDINE-5'-MONOPHOSPHATE 'C9 H12 I N2 O9 P'
MG non-polymer 'MAGNESIUM ION' 'Mg 2'
U RNA linking URIDINE-5'-MONOPHOSPHATE 'C9 H13 N2 O9 P'
#
# COMPACT_ATOMS: atom_id res chain seq x y z
P IU A 14 43.48 6.27 12.14
OP1 IU A 14 43.91 7.69 12.18
OP2 IU A 14 44.23 5.30 11.30
O5' IU A 14 43.46 5.70 13.63
C5' IU A 14 42.89 6.45 14.68
C4' IU A 14 42.78 5.61 15.93
O4' IU A 14 41.92 4.47 15.66
C3' IU A 14 44.07 4.96 16.39
O3' IU A 14 44.89 5.86 17.12
C2' IU A 14 43.56 3.80 17.24
O2' IU A 14 43.14 4.20 18.53
C1' IU A 14 42.37 3.35 16.41
N1 IU A 14 42.65 2.23 15.50
C2 IU A 14 42.59 0.97 16.05
O2 IU A 14 42.36 0.79 17.23
N3 IU A 14 42.80 -0.07 15.17
C4 IU A 14 43.09 0.01 13.83
O4 IU A 14 43.16 -1.03 13.16
C5 IU A 14 43.18 1.35 13.31
C6 IU A 14 42.96 2.40 14.15
I5 IU A 14 43.69 1.61 11.76
PC A23 B 125 -42.19 -2.57 -10.00
O1C A23 B 125 -43.58 -2.50 -10.49
O2C A23 B 125 -41.90 -2.03 -8.65
P A23 B 125 -40.80 -8.21 -11.26
OP1 A23 B 125 -41.44 -8.07 -9.93
OP2 A23 B 125 -41.64 -8.52 -12.45
O5' A23 B 125 -39.94 -6.90 -11.58
C5' A23 B 125 -39.30 -6.15 -10.54
C4' A23 B 125 -39.52 -4.66 -10.76
O4' A23 B 125 -38.63 -4.12 -11.75
C3' A23 B 125 -40.91 -4.34 -11.25
O3' A23 B 125 -41.71 -4.10 -10.08
C2' A23 B 125 -40.75 -3.02 -11.98
O2' A23 B 125 -41.15 -1.97 -11.08
C1' A23 B 125 -39.27 -3.05 -12.42
N9 A23 B 125 -39.08 -3.25 -13.85
C8 A23 B 125 -40.03 -3.50 -14.81
N7 A23 B 125 -39.52 -3.74 -16.00
C5 A23 B 125 -38.15 -3.62 -15.82
C6 A23 B 125 -37.07 -3.75 -16.69
N6 A23 B 125 -37.18 -4.09 -17.98
N1 A23 B 125 -35.83 -3.54 -16.18
C2 A23 B 125 -35.72 -3.21 -14.90
N3 A23 B 125 -36.66 -3.07 -13.98
C4 A23 B 125 -37.87 -3.29 -14.50
MG MG C . 16.89 5.22 4.92
MG MG D . -26.35 -5.37 -14.14
MG MG E . 27.54 4.64 -1.50
MG MG F . 30.07 12.31 0.15
MG MG G . 34.54 16.56 18.14
#